data_1YLV
#
_entry.id   1YLV
#
_cell.length_a   103.400
_cell.length_b   103.400
_cell.length_c   168.000
_cell.angle_alpha   90.00
_cell.angle_beta   90.00
_cell.angle_gamma   90.00
#
_symmetry.space_group_name_H-M   'I 4 2 2'
#
loop_
_entity.id
_entity.type
_entity.pdbx_description
1 polymer 'PROTEIN (5-AMINOLAEVULINIC ACID DEHYDRATASE)'
2 non-polymer 'ZINC ION'
3 non-polymer 'LAEVULINIC ACID'
4 water water
#
_entity_poly.entity_id   1
_entity_poly.type   'polypeptide(L)'
_entity_poly.pdbx_seq_one_letter_code
;MHTAEFLETEPTEISSVLAGGYNHPLLRQWQSERQLTKNMLIFPLFISDNPDDFTEIDSLPNINRIGVNRLKDYLKPLVA
KGLRSVILFGVPLIPGTKDPVGTAADDPAGPVIQGIKFIREKFPELYIICDVCLCEYTSHGHCGVLYDDGTINRERSVSR
LAAVAVNYAKAGAHCVAPSDMIDGRIRDIKRGLINANLAHKTFVLSYAAKFSGNLYGPFRDAACSAPSNGDRKCYQLPPA
GRGLARRALERDMSEGADGIIVKPSTFYLDIMRDASEICKDLPICAYHVSGEYAMLHAAAEKGVVDLKTIAFESHTGFLR
AGARLIITYLAPEFLDWLDEEN
;
_entity_poly.pdbx_strand_id   A
#
# COMPACT_ATOMS: atom_id res chain seq x y z
N MET A 1 -18.89 52.33 -29.25
CA MET A 1 -19.23 50.98 -28.85
C MET A 1 -18.17 50.38 -27.92
N HIS A 2 -18.44 49.14 -27.50
CA HIS A 2 -17.55 48.43 -26.60
C HIS A 2 -16.27 48.00 -27.29
N THR A 3 -15.16 48.60 -26.86
CA THR A 3 -13.87 48.25 -27.47
C THR A 3 -12.95 47.62 -26.44
N ALA A 4 -11.96 46.83 -26.84
CA ALA A 4 -11.06 46.19 -25.89
C ALA A 4 -10.20 47.18 -25.15
N GLU A 5 -10.39 47.24 -23.82
CA GLU A 5 -9.58 48.17 -23.02
C GLU A 5 -8.28 47.51 -22.58
N PHE A 6 -7.21 48.30 -22.61
CA PHE A 6 -5.91 47.76 -22.20
C PHE A 6 -5.28 48.78 -21.25
N LEU A 7 -5.05 48.38 -20.00
CA LEU A 7 -4.50 49.29 -19.01
C LEU A 7 -3.03 49.59 -19.22
N GLU A 8 -2.62 50.80 -18.86
CA GLU A 8 -1.21 51.18 -19.02
C GLU A 8 -0.36 50.29 -18.12
N THR A 9 0.80 49.91 -18.65
CA THR A 9 1.62 48.99 -17.86
C THR A 9 3.06 49.41 -17.69
N GLU A 10 3.59 49.05 -16.51
CA GLU A 10 4.97 49.30 -16.13
C GLU A 10 5.86 48.14 -16.66
N PRO A 11 7.16 48.38 -16.82
CA PRO A 11 7.96 47.27 -17.32
C PRO A 11 7.82 46.03 -16.45
N THR A 12 8.07 44.88 -17.06
CA THR A 12 7.98 43.60 -16.41
C THR A 12 9.03 43.40 -15.31
N GLU A 13 8.54 42.98 -14.14
CA GLU A 13 9.50 42.72 -13.04
C GLU A 13 10.05 41.30 -13.27
N ILE A 14 11.35 41.11 -13.15
CA ILE A 14 11.92 39.76 -13.36
C ILE A 14 11.29 38.75 -12.42
N SER A 15 10.97 39.13 -11.18
CA SER A 15 10.36 38.23 -10.22
C SER A 15 9.03 37.69 -10.65
N SER A 16 8.39 38.25 -11.68
CA SER A 16 7.09 37.73 -12.09
C SER A 16 7.23 36.60 -13.10
N VAL A 17 8.40 36.53 -13.73
CA VAL A 17 8.69 35.58 -14.76
C VAL A 17 9.07 34.19 -14.41
N LEU A 18 8.12 33.25 -14.40
CA LEU A 18 8.44 31.87 -14.09
C LEU A 18 8.53 31.03 -15.39
N ALA A 19 7.86 31.51 -16.42
CA ALA A 19 7.75 30.90 -17.70
C ALA A 19 9.00 30.38 -18.32
N GLY A 20 10.16 30.99 -18.11
CA GLY A 20 11.36 30.46 -18.75
C GLY A 20 11.69 29.05 -18.30
N GLY A 21 11.05 28.60 -17.23
CA GLY A 21 11.36 27.27 -16.75
C GLY A 21 10.49 26.09 -17.12
N TYR A 22 9.43 26.30 -17.91
CA TYR A 22 8.62 25.13 -18.25
C TYR A 22 7.93 25.31 -19.60
N ASN A 23 8.63 25.80 -20.60
CA ASN A 23 8.04 26.04 -21.92
C ASN A 23 8.37 24.95 -22.92
N HIS A 24 8.96 23.85 -22.45
CA HIS A 24 9.36 22.73 -23.33
C HIS A 24 9.12 21.42 -22.59
N PRO A 25 8.75 20.36 -23.31
CA PRO A 25 8.45 19.03 -22.76
C PRO A 25 9.53 18.54 -21.82
N LEU A 26 10.78 18.70 -22.24
CA LEU A 26 11.88 18.24 -21.37
C LEU A 26 11.88 19.04 -20.08
N LEU A 27 11.65 20.34 -20.23
CA LEU A 27 11.67 21.14 -19.01
C LEU A 27 10.64 20.68 -18.01
N ARG A 28 9.51 20.13 -18.46
CA ARG A 28 8.49 19.68 -17.53
C ARG A 28 8.92 18.47 -16.73
N GLN A 29 9.97 17.81 -17.21
CA GLN A 29 10.55 16.63 -16.57
C GLN A 29 11.65 17.06 -15.60
N TRP A 30 12.34 18.13 -16.02
CA TRP A 30 13.42 18.71 -15.22
C TRP A 30 12.81 19.31 -13.94
N GLN A 31 11.55 19.70 -14.07
CA GLN A 31 10.74 20.29 -13.05
C GLN A 31 10.22 19.35 -12.01
N SER A 32 10.30 18.03 -12.22
CA SER A 32 9.80 17.12 -11.17
C SER A 32 10.91 16.85 -10.15
N GLU A 33 10.56 16.86 -8.88
CA GLU A 33 11.55 16.60 -7.83
C GLU A 33 11.97 15.14 -7.88
N ARG A 34 11.14 14.31 -8.51
CA ARG A 34 11.45 12.93 -8.67
C ARG A 34 10.77 12.25 -9.80
N GLN A 35 11.55 11.49 -10.58
CA GLN A 35 10.92 10.82 -11.71
C GLN A 35 10.57 9.37 -11.40
N LEU A 36 9.47 8.96 -11.99
CA LEU A 36 8.89 7.65 -11.87
C LEU A 36 9.67 6.56 -12.56
N THR A 37 10.04 5.49 -11.87
CA THR A 37 10.77 4.40 -12.52
C THR A 37 10.10 3.08 -12.23
N LYS A 38 10.44 2.01 -12.93
CA LYS A 38 9.81 0.71 -12.71
C LYS A 38 10.15 0.15 -11.33
N ASN A 39 11.34 0.42 -10.79
CA ASN A 39 11.66 -0.16 -9.51
C ASN A 39 10.94 0.47 -8.35
N MET A 40 10.12 1.49 -8.56
CA MET A 40 9.41 2.13 -7.46
C MET A 40 8.04 1.49 -7.27
N LEU A 41 7.69 0.61 -8.20
CA LEU A 41 6.40 -0.02 -8.10
C LEU A 41 6.41 -1.31 -7.30
N ILE A 42 5.34 -1.47 -6.54
CA ILE A 42 5.06 -2.63 -5.71
C ILE A 42 3.66 -3.15 -6.07
N PHE A 43 3.56 -4.35 -6.61
CA PHE A 43 2.29 -4.92 -7.03
C PHE A 43 1.72 -5.88 -6.00
N PRO A 44 0.46 -5.65 -5.61
CA PRO A 44 -0.20 -6.50 -4.63
C PRO A 44 -0.74 -7.79 -5.24
N LEU A 45 -0.62 -8.88 -4.49
CA LEU A 45 -1.09 -10.21 -4.87
C LEU A 45 -2.04 -10.75 -3.77
N PHE A 46 -3.17 -11.26 -4.21
CA PHE A 46 -4.16 -11.87 -3.28
C PHE A 46 -4.02 -13.39 -3.47
N ILE A 47 -3.30 -14.02 -2.55
CA ILE A 47 -3.06 -15.46 -2.72
C ILE A 47 -4.18 -16.30 -2.18
N SER A 48 -4.67 -17.28 -2.95
CA SER A 48 -5.76 -18.09 -2.48
C SER A 48 -5.34 -19.40 -1.84
N ASP A 49 -6.32 -19.90 -1.09
CA ASP A 49 -6.36 -21.15 -0.36
C ASP A 49 -6.38 -22.34 -1.34
N ASN A 50 -6.91 -22.09 -2.52
CA ASN A 50 -7.01 -23.08 -3.60
C ASN A 50 -5.95 -22.76 -4.67
N PRO A 51 -4.93 -23.61 -4.65
CA PRO A 51 -3.80 -23.51 -5.55
C PRO A 51 -4.14 -23.45 -7.00
N ASP A 52 -5.39 -23.73 -7.38
CA ASP A 52 -5.71 -23.69 -8.80
C ASP A 52 -6.54 -22.48 -9.18
N ASP A 53 -6.83 -21.66 -8.19
CA ASP A 53 -7.62 -20.44 -8.36
C ASP A 53 -6.88 -19.44 -9.27
N PHE A 54 -7.70 -18.63 -9.89
CA PHE A 54 -7.50 -17.53 -10.78
C PHE A 54 -8.83 -16.81 -11.07
N THR A 55 -9.51 -16.56 -9.99
CA THR A 55 -10.77 -15.96 -9.70
C THR A 55 -10.81 -14.45 -9.85
N GLU A 56 -11.91 -13.98 -10.45
CA GLU A 56 -12.24 -12.62 -10.74
C GLU A 56 -12.89 -11.88 -9.60
N ILE A 57 -12.23 -10.77 -9.22
CA ILE A 57 -12.79 -9.96 -8.13
C ILE A 57 -13.60 -8.83 -8.78
N ASP A 58 -14.88 -9.12 -8.98
CA ASP A 58 -15.80 -8.23 -9.62
C ASP A 58 -15.66 -6.79 -9.26
N SER A 59 -15.38 -6.44 -8.02
CA SER A 59 -15.30 -5.01 -7.73
C SER A 59 -13.93 -4.41 -7.99
N LEU A 60 -12.90 -5.22 -8.19
CA LEU A 60 -11.54 -4.79 -8.44
C LEU A 60 -11.08 -5.17 -9.85
N PRO A 61 -11.26 -4.23 -10.77
CA PRO A 61 -10.95 -4.31 -12.17
C PRO A 61 -9.58 -4.87 -12.50
N ASN A 62 -9.57 -5.92 -13.32
CA ASN A 62 -8.40 -6.59 -13.80
C ASN A 62 -7.51 -7.23 -12.74
N ILE A 63 -8.01 -7.45 -11.55
CA ILE A 63 -7.28 -8.06 -10.43
C ILE A 63 -7.97 -9.37 -10.03
N ASN A 64 -7.17 -10.41 -9.84
CA ASN A 64 -7.70 -11.71 -9.46
C ASN A 64 -7.10 -12.21 -8.13
N ARG A 65 -7.72 -13.31 -7.75
CA ARG A 65 -7.42 -14.13 -6.57
C ARG A 65 -6.74 -15.42 -7.08
N ILE A 66 -5.42 -15.40 -7.07
CA ILE A 66 -4.53 -16.41 -7.55
C ILE A 66 -3.99 -17.41 -6.58
N GLY A 67 -4.11 -18.69 -6.98
CA GLY A 67 -3.59 -19.77 -6.15
C GLY A 67 -2.15 -19.99 -6.58
N VAL A 68 -1.38 -20.69 -5.76
CA VAL A 68 0.01 -20.99 -5.97
C VAL A 68 0.35 -21.70 -7.25
N ASN A 69 -0.52 -22.58 -7.74
CA ASN A 69 -0.17 -23.29 -8.98
C ASN A 69 -0.37 -22.42 -10.20
N ARG A 70 -0.90 -21.22 -10.02
CA ARG A 70 -1.17 -20.29 -11.09
C ARG A 70 -0.29 -19.05 -11.04
N LEU A 71 0.61 -18.98 -10.08
CA LEU A 71 1.55 -17.94 -9.80
C LEU A 71 2.70 -17.81 -10.77
N LYS A 72 3.38 -18.89 -11.12
CA LYS A 72 4.50 -18.76 -12.04
C LYS A 72 4.10 -18.18 -13.38
N ASP A 73 2.89 -18.54 -13.83
CA ASP A 73 2.42 -18.08 -15.11
C ASP A 73 1.99 -16.63 -15.12
N TYR A 74 1.54 -16.18 -13.96
CA TYR A 74 1.08 -14.81 -13.79
C TYR A 74 2.25 -13.84 -13.65
N LEU A 75 3.20 -14.22 -12.82
CA LEU A 75 4.36 -13.46 -12.49
C LEU A 75 5.47 -13.50 -13.50
N LYS A 76 5.51 -14.52 -14.36
CA LYS A 76 6.62 -14.56 -15.31
C LYS A 76 6.69 -13.38 -16.22
N PRO A 77 5.56 -12.98 -16.82
CA PRO A 77 5.64 -11.83 -17.72
C PRO A 77 5.87 -10.51 -17.01
N LEU A 78 5.30 -10.35 -15.83
CA LEU A 78 5.47 -9.11 -15.06
C LEU A 78 6.94 -8.90 -14.73
N VAL A 79 7.49 -10.00 -14.23
CA VAL A 79 8.91 -9.93 -13.88
C VAL A 79 9.75 -9.72 -15.12
N ALA A 80 9.30 -10.27 -16.27
CA ALA A 80 10.14 -10.05 -17.46
C ALA A 80 10.10 -8.59 -17.89
N LYS A 81 9.06 -7.87 -17.50
CA LYS A 81 8.89 -6.48 -17.85
C LYS A 81 9.46 -5.55 -16.79
N GLY A 82 10.18 -6.04 -15.78
CA GLY A 82 10.73 -5.15 -14.78
C GLY A 82 10.17 -5.16 -13.38
N LEU A 83 9.13 -5.95 -13.13
CA LEU A 83 8.60 -5.94 -11.75
C LEU A 83 9.70 -6.31 -10.78
N ARG A 84 9.82 -5.54 -9.70
CA ARG A 84 10.84 -5.79 -8.71
C ARG A 84 10.30 -6.19 -7.35
N SER A 85 9.03 -5.90 -7.08
CA SER A 85 8.52 -6.24 -5.74
C SER A 85 7.03 -6.48 -5.75
N VAL A 86 6.58 -7.26 -4.78
CA VAL A 86 5.18 -7.60 -4.60
C VAL A 86 4.80 -7.58 -3.11
N ILE A 87 3.53 -7.35 -2.84
CA ILE A 87 3.03 -7.36 -1.46
C ILE A 87 1.97 -8.45 -1.34
N LEU A 88 2.16 -9.43 -0.46
CA LEU A 88 1.23 -10.51 -0.35
C LEU A 88 0.10 -10.33 0.61
N PHE A 89 -1.09 -10.67 0.13
CA PHE A 89 -2.35 -10.67 0.84
C PHE A 89 -2.95 -12.09 0.80
N GLY A 90 -3.18 -12.68 1.97
CA GLY A 90 -3.73 -14.02 1.97
C GLY A 90 -5.23 -14.09 2.08
N VAL A 91 -5.83 -14.99 1.30
CA VAL A 91 -7.28 -15.16 1.32
C VAL A 91 -7.63 -16.65 1.46
N PRO A 92 -7.57 -17.14 2.70
CA PRO A 92 -7.85 -18.55 3.05
C PRO A 92 -9.36 -18.82 2.96
N LEU A 93 -9.83 -19.58 1.98
CA LEU A 93 -11.28 -19.79 1.86
C LEU A 93 -11.74 -21.09 2.47
N ILE A 94 -10.81 -21.96 2.85
CA ILE A 94 -11.28 -23.22 3.43
C ILE A 94 -12.11 -22.97 4.68
N PRO A 95 -13.23 -23.67 4.82
CA PRO A 95 -14.01 -23.41 6.03
C PRO A 95 -13.28 -23.89 7.27
N GLY A 96 -13.61 -23.32 8.41
CA GLY A 96 -12.99 -23.70 9.65
C GLY A 96 -11.69 -22.97 9.95
N THR A 97 -11.12 -22.37 8.93
CA THR A 97 -9.89 -21.62 8.97
C THR A 97 -9.90 -20.46 9.94
N LYS A 98 -10.86 -19.55 9.89
CA LYS A 98 -10.96 -18.40 10.75
C LYS A 98 -11.39 -18.65 12.17
N ASP A 99 -10.80 -17.85 13.06
CA ASP A 99 -11.06 -17.88 14.47
C ASP A 99 -10.83 -16.55 15.15
N PRO A 100 -11.13 -16.43 16.45
CA PRO A 100 -10.98 -15.18 17.17
C PRO A 100 -9.59 -14.65 17.32
N VAL A 101 -8.57 -15.51 17.17
CA VAL A 101 -7.22 -15.07 17.31
C VAL A 101 -6.40 -15.07 16.05
N GLY A 102 -7.02 -15.19 14.89
CA GLY A 102 -6.26 -15.18 13.65
C GLY A 102 -5.15 -16.20 13.53
N THR A 103 -5.35 -17.33 14.17
CA THR A 103 -4.45 -18.47 14.21
C THR A 103 -3.82 -18.79 12.88
N ALA A 104 -4.64 -18.87 11.84
CA ALA A 104 -4.14 -19.21 10.51
C ALA A 104 -3.31 -18.10 9.88
N ALA A 105 -3.18 -16.94 10.52
CA ALA A 105 -2.39 -15.85 9.95
C ALA A 105 -1.01 -16.33 9.53
N ASP A 106 -0.34 -17.03 10.43
CA ASP A 106 1.00 -17.54 10.18
C ASP A 106 1.01 -19.04 9.92
N ASP A 107 -0.10 -19.58 9.43
CA ASP A 107 -0.12 -21.04 9.16
C ASP A 107 0.89 -21.42 8.10
N PRO A 108 1.86 -22.29 8.42
CA PRO A 108 2.83 -22.62 7.39
C PRO A 108 2.22 -23.15 6.13
N ALA A 109 1.03 -23.73 6.21
CA ALA A 109 0.41 -24.25 4.99
C ALA A 109 -0.57 -23.23 4.41
N GLY A 110 -0.65 -22.04 5.00
CA GLY A 110 -1.56 -21.04 4.49
C GLY A 110 -0.93 -20.43 3.25
N PRO A 111 -1.74 -19.67 2.50
CA PRO A 111 -1.43 -18.98 1.26
C PRO A 111 -0.20 -18.10 1.30
N VAL A 112 -0.07 -17.27 2.33
CA VAL A 112 1.05 -16.37 2.47
C VAL A 112 2.38 -17.09 2.55
N ILE A 113 2.52 -17.94 3.57
CA ILE A 113 3.81 -18.63 3.65
C ILE A 113 4.01 -19.53 2.46
N GLN A 114 2.91 -20.05 1.91
CA GLN A 114 3.07 -20.91 0.73
C GLN A 114 3.52 -20.07 -0.47
N GLY A 115 2.97 -18.85 -0.55
CA GLY A 115 3.34 -17.99 -1.66
C GLY A 115 4.76 -17.48 -1.48
N ILE A 116 5.14 -17.26 -0.22
CA ILE A 116 6.50 -16.77 0.01
C ILE A 116 7.52 -17.81 -0.47
N LYS A 117 7.29 -19.05 -0.04
CA LYS A 117 8.17 -20.15 -0.40
C LYS A 117 8.24 -20.36 -1.90
N PHE A 118 7.09 -20.27 -2.56
CA PHE A 118 7.06 -20.46 -4.01
C PHE A 118 7.84 -19.38 -4.73
N ILE A 119 7.62 -18.14 -4.26
CA ILE A 119 8.30 -17.03 -4.88
C ILE A 119 9.78 -17.04 -4.69
N ARG A 120 10.24 -17.32 -3.47
CA ARG A 120 11.69 -17.32 -3.26
C ARG A 120 12.37 -18.37 -4.13
N GLU A 121 11.57 -19.33 -4.59
CA GLU A 121 12.12 -20.40 -5.40
C GLU A 121 12.08 -20.14 -6.89
N LYS A 122 10.92 -19.77 -7.43
CA LYS A 122 10.81 -19.53 -8.86
C LYS A 122 11.20 -18.13 -9.26
N PHE A 123 11.29 -17.19 -8.33
CA PHE A 123 11.63 -15.80 -8.58
C PHE A 123 12.53 -15.24 -7.47
N PRO A 124 13.77 -15.71 -7.38
CA PRO A 124 14.68 -15.27 -6.35
C PRO A 124 15.10 -13.83 -6.40
N GLU A 125 14.80 -13.11 -7.47
CA GLU A 125 15.19 -11.70 -7.57
C GLU A 125 14.05 -10.81 -7.04
N LEU A 126 12.84 -11.34 -7.00
CA LEU A 126 11.69 -10.55 -6.54
C LEU A 126 11.83 -10.26 -5.04
N TYR A 127 11.46 -9.04 -4.70
CA TYR A 127 11.50 -8.54 -3.31
C TYR A 127 10.13 -8.86 -2.69
N ILE A 128 10.06 -9.64 -1.63
CA ILE A 128 8.77 -10.02 -1.10
C ILE A 128 8.30 -9.26 0.09
N ILE A 129 7.15 -8.59 -0.06
CA ILE A 129 6.62 -7.85 1.09
C ILE A 129 5.35 -8.54 1.58
N CYS A 130 5.18 -8.67 2.89
CA CYS A 130 3.95 -9.32 3.32
C CYS A 130 3.13 -8.41 4.22
N ASP A 131 1.88 -8.19 3.83
CA ASP A 131 1.05 -7.36 4.74
C ASP A 131 0.92 -8.18 6.05
N VAL A 132 0.92 -7.48 7.17
CA VAL A 132 0.80 -8.11 8.48
C VAL A 132 -0.45 -7.57 9.18
N CYS A 133 -1.43 -8.46 9.36
CA CYS A 133 -2.69 -8.12 10.02
C CYS A 133 -3.51 -9.40 10.25
N LEU A 134 -4.56 -9.30 11.05
CA LEU A 134 -5.44 -10.39 11.39
C LEU A 134 -6.81 -10.28 10.74
N CYS A 135 -7.18 -9.15 10.14
CA CYS A 135 -8.49 -9.01 9.54
C CYS A 135 -8.85 -10.11 8.59
N GLU A 136 -7.92 -10.57 7.76
CA GLU A 136 -8.25 -11.61 6.79
C GLU A 136 -8.27 -13.00 7.39
N TYR A 137 -7.98 -13.11 8.68
CA TYR A 137 -7.91 -14.44 9.30
C TYR A 137 -8.77 -14.56 10.54
N THR A 138 -9.34 -13.46 10.99
CA THR A 138 -10.19 -13.48 12.19
C THR A 138 -11.65 -13.73 11.78
N SER A 139 -12.41 -14.43 12.61
CA SER A 139 -13.80 -14.70 12.29
C SER A 139 -14.65 -13.44 12.40
N HIS A 140 -14.19 -12.47 13.20
CA HIS A 140 -14.94 -11.24 13.35
C HIS A 140 -14.59 -10.22 12.29
N GLY A 141 -13.49 -10.41 11.58
CA GLY A 141 -13.09 -9.49 10.53
C GLY A 141 -12.32 -8.24 10.94
N HIS A 142 -12.19 -8.02 12.25
CA HIS A 142 -11.46 -6.85 12.72
C HIS A 142 -9.96 -7.07 12.59
N CYS A 143 -9.19 -6.01 12.74
CA CYS A 143 -7.77 -6.00 12.62
C CYS A 143 -7.00 -6.57 13.77
N GLY A 144 -7.62 -6.88 14.91
CA GLY A 144 -6.79 -7.44 15.98
C GLY A 144 -7.59 -8.40 16.84
N VAL A 145 -7.10 -8.68 18.05
CA VAL A 145 -7.84 -9.60 18.95
C VAL A 145 -8.75 -8.73 19.84
N LEU A 146 -10.02 -9.12 19.95
CA LEU A 146 -10.95 -8.33 20.72
C LEU A 146 -11.14 -8.75 22.15
N TYR A 147 -11.61 -7.75 22.91
CA TYR A 147 -11.96 -8.03 24.33
C TYR A 147 -13.42 -8.58 24.25
N ASP A 148 -14.14 -8.78 25.34
CA ASP A 148 -15.49 -9.30 25.13
C ASP A 148 -16.46 -8.25 24.65
N ASP A 149 -16.22 -6.99 24.98
CA ASP A 149 -17.07 -5.89 24.60
C ASP A 149 -17.05 -5.58 23.13
N GLY A 150 -16.07 -6.12 22.40
CA GLY A 150 -16.05 -5.81 20.98
C GLY A 150 -14.91 -4.86 20.66
N THR A 151 -14.34 -4.21 21.68
CA THR A 151 -13.23 -3.30 21.43
C THR A 151 -11.94 -4.11 21.23
N ILE A 152 -10.94 -3.48 20.66
CA ILE A 152 -9.66 -4.15 20.41
C ILE A 152 -8.86 -4.26 21.70
N ASN A 153 -8.14 -5.37 21.82
CA ASN A 153 -7.26 -5.71 22.95
C ASN A 153 -5.80 -5.51 22.50
N ARG A 154 -5.31 -4.31 22.73
CA ARG A 154 -4.00 -3.88 22.38
C ARG A 154 -2.87 -4.82 22.63
N GLU A 155 -2.61 -5.19 23.88
CA GLU A 155 -1.49 -6.06 24.18
C GLU A 155 -1.58 -7.42 23.55
N ARG A 156 -2.77 -8.03 23.58
CA ARG A 156 -2.88 -9.36 22.98
C ARG A 156 -2.76 -9.28 21.47
N SER A 157 -3.24 -8.19 20.89
CA SER A 157 -3.20 -7.99 19.46
C SER A 157 -1.78 -7.83 18.94
N VAL A 158 -1.06 -6.91 19.57
CA VAL A 158 0.33 -6.60 19.18
C VAL A 158 1.23 -7.82 19.42
N SER A 159 0.82 -8.56 20.43
CA SER A 159 1.53 -9.79 20.82
C SER A 159 1.41 -10.83 19.70
N ARG A 160 0.22 -10.88 19.13
CA ARG A 160 -0.10 -11.81 18.04
C ARG A 160 0.52 -11.36 16.72
N LEU A 161 0.34 -10.09 16.38
CA LEU A 161 0.89 -9.50 15.16
C LEU A 161 2.40 -9.62 15.11
N ALA A 162 3.01 -9.45 16.28
CA ALA A 162 4.47 -9.56 16.33
C ALA A 162 4.92 -10.95 15.89
N ALA A 163 4.18 -11.97 16.33
CA ALA A 163 4.46 -13.36 16.01
C ALA A 163 4.27 -13.67 14.54
N VAL A 164 3.17 -13.15 13.98
CA VAL A 164 2.87 -13.36 12.56
C VAL A 164 3.99 -12.78 11.69
N ALA A 165 4.37 -11.54 12.00
CA ALA A 165 5.42 -10.84 11.30
C ALA A 165 6.74 -11.58 11.33
N VAL A 166 7.16 -12.07 12.49
CA VAL A 166 8.42 -12.82 12.62
C VAL A 166 8.34 -14.14 11.86
N ASN A 167 7.15 -14.75 11.89
CA ASN A 167 6.95 -16.01 11.21
C ASN A 167 7.06 -15.88 9.71
N TYR A 168 6.57 -14.77 9.17
CA TYR A 168 6.66 -14.50 7.71
C TYR A 168 8.14 -14.35 7.33
N ALA A 169 8.83 -13.55 8.13
CA ALA A 169 10.26 -13.33 7.92
C ALA A 169 11.00 -14.67 8.04
N LYS A 170 10.61 -15.44 9.05
CA LYS A 170 11.27 -16.75 9.24
C LYS A 170 11.07 -17.61 7.99
N ALA A 171 9.92 -17.44 7.34
CA ALA A 171 9.60 -18.20 6.14
C ALA A 171 10.33 -17.69 4.91
N GLY A 172 10.89 -16.48 4.94
CA GLY A 172 11.60 -15.98 3.78
C GLY A 172 11.18 -14.61 3.28
N ALA A 173 10.17 -14.00 3.92
CA ALA A 173 9.76 -12.67 3.44
C ALA A 173 10.86 -11.66 3.75
N HIS A 174 11.15 -10.79 2.78
CA HIS A 174 12.19 -9.78 3.03
C HIS A 174 11.58 -8.60 3.82
N CYS A 175 10.28 -8.37 3.64
CA CYS A 175 9.72 -7.21 4.33
C CYS A 175 8.37 -7.51 4.94
N VAL A 176 8.08 -6.83 6.03
CA VAL A 176 6.84 -6.90 6.76
C VAL A 176 6.17 -5.53 6.84
N ALA A 177 4.90 -5.45 6.49
CA ALA A 177 4.12 -4.22 6.49
C ALA A 177 2.85 -4.33 7.32
N PRO A 178 2.86 -3.97 8.62
CA PRO A 178 1.70 -4.04 9.50
C PRO A 178 0.67 -2.97 9.14
N SER A 179 -0.57 -3.37 8.84
CA SER A 179 -1.61 -2.41 8.45
C SER A 179 -2.79 -2.47 9.40
N ASP A 180 -2.53 -2.81 10.65
CA ASP A 180 -3.52 -2.98 11.70
C ASP A 180 -3.87 -1.69 12.41
N MET A 181 -2.98 -0.71 12.47
CA MET A 181 -3.15 0.57 13.11
C MET A 181 -3.28 0.50 14.61
N ILE A 182 -2.84 -0.60 15.24
CA ILE A 182 -2.93 -0.76 16.70
C ILE A 182 -1.73 -0.16 17.39
N ASP A 183 -1.97 0.63 18.43
CA ASP A 183 -0.95 1.29 19.21
C ASP A 183 0.20 0.39 19.64
N GLY A 184 1.41 0.83 19.32
CA GLY A 184 2.62 0.15 19.71
C GLY A 184 3.03 -1.13 19.03
N ARG A 185 2.31 -1.55 18.00
CA ARG A 185 2.66 -2.80 17.33
C ARG A 185 4.00 -2.77 16.67
N ILE A 186 4.44 -1.63 16.11
CA ILE A 186 5.74 -1.62 15.46
C ILE A 186 6.86 -1.98 16.41
N ARG A 187 6.81 -1.47 17.64
CA ARG A 187 7.86 -1.75 18.61
C ARG A 187 7.97 -3.24 18.92
N ASP A 188 6.81 -3.87 19.07
CA ASP A 188 6.75 -5.29 19.40
C ASP A 188 7.23 -6.15 18.25
N ILE A 189 6.89 -5.70 17.04
CA ILE A 189 7.32 -6.43 15.85
C ILE A 189 8.82 -6.28 15.66
N LYS A 190 9.36 -5.07 15.90
CA LYS A 190 10.80 -4.85 15.76
C LYS A 190 11.55 -5.68 16.81
N ARG A 191 11.08 -5.64 18.06
CA ARG A 191 11.69 -6.39 19.16
C ARG A 191 11.62 -7.90 18.85
N GLY A 192 10.50 -8.32 18.30
CA GLY A 192 10.34 -9.71 17.93
C GLY A 192 11.32 -10.09 16.85
N LEU A 193 11.54 -9.17 15.90
CA LEU A 193 12.51 -9.50 14.84
C LEU A 193 13.91 -9.55 15.43
N ILE A 194 14.19 -8.62 16.34
CA ILE A 194 15.53 -8.65 16.93
C ILE A 194 15.75 -9.95 17.69
N ASN A 195 14.77 -10.42 18.46
CA ASN A 195 14.92 -11.63 19.24
C ASN A 195 15.08 -12.87 18.37
N ALA A 196 14.60 -12.77 17.13
CA ALA A 196 14.69 -13.87 16.19
C ALA A 196 15.90 -13.73 15.28
N ASN A 197 16.75 -12.73 15.53
CA ASN A 197 17.93 -12.50 14.70
C ASN A 197 17.56 -12.32 13.25
N LEU A 198 16.48 -11.57 13.03
CA LEU A 198 16.05 -11.32 11.66
C LEU A 198 15.90 -9.83 11.38
N ALA A 199 16.17 -8.98 12.36
CA ALA A 199 16.00 -7.55 12.18
C ALA A 199 17.00 -6.93 11.26
N HIS A 200 18.17 -7.55 11.09
CA HIS A 200 19.16 -6.95 10.20
C HIS A 200 18.87 -7.29 8.75
N LYS A 201 17.85 -8.11 8.50
CA LYS A 201 17.56 -8.46 7.13
C LYS A 201 16.11 -8.34 6.75
N THR A 202 15.32 -7.78 7.67
CA THR A 202 13.90 -7.60 7.42
C THR A 202 13.50 -6.12 7.46
N PHE A 203 13.07 -5.59 6.32
CA PHE A 203 12.65 -4.18 6.23
C PHE A 203 11.31 -4.02 6.94
N VAL A 204 11.15 -3.04 7.83
CA VAL A 204 9.79 -2.97 8.42
C VAL A 204 9.07 -1.77 7.78
N LEU A 205 8.12 -2.03 6.91
CA LEU A 205 7.35 -1.02 6.19
C LEU A 205 6.01 -0.79 6.86
N SER A 206 5.93 0.22 7.72
CA SER A 206 4.69 0.42 8.42
C SER A 206 3.66 1.26 7.73
N TYR A 207 2.41 0.84 7.93
CA TYR A 207 1.32 1.71 7.41
C TYR A 207 1.10 2.72 8.63
N ALA A 208 2.02 3.65 8.71
CA ALA A 208 2.07 4.66 9.76
C ALA A 208 0.87 5.56 9.78
N ALA A 209 0.41 5.96 8.59
CA ALA A 209 -0.76 6.85 8.54
C ALA A 209 -1.81 6.25 7.59
N LYS A 210 -2.67 5.44 8.18
CA LYS A 210 -3.76 4.74 7.54
C LYS A 210 -5.09 5.21 8.13
N PHE A 211 -5.82 5.86 7.23
CA PHE A 211 -7.08 6.45 7.50
C PHE A 211 -8.29 5.58 7.27
N SER A 212 -9.30 5.86 8.11
CA SER A 212 -10.61 5.19 7.98
C SER A 212 -11.28 5.80 6.73
N GLY A 213 -12.22 5.12 6.07
CA GLY A 213 -12.77 5.79 4.90
C GLY A 213 -13.65 4.96 3.98
N ASN A 214 -14.11 5.63 2.93
CA ASN A 214 -14.98 5.08 1.91
C ASN A 214 -14.22 4.59 0.70
N LEU A 215 -12.93 4.30 0.85
CA LEU A 215 -12.16 3.88 -0.30
C LEU A 215 -11.60 2.50 -0.26
N TYR A 216 -12.03 1.64 0.66
CA TYR A 216 -11.50 0.28 0.72
C TYR A 216 -12.51 -0.74 0.23
N GLY A 217 -13.63 -0.28 -0.34
CA GLY A 217 -14.66 -1.17 -0.82
C GLY A 217 -14.31 -2.39 -1.63
N PRO A 218 -13.55 -2.21 -2.72
CA PRO A 218 -13.20 -3.35 -3.55
C PRO A 218 -12.20 -4.29 -2.90
N PHE A 219 -11.35 -3.82 -2.00
CA PHE A 219 -10.35 -4.65 -1.33
C PHE A 219 -11.01 -5.63 -0.37
N ARG A 220 -12.14 -5.20 0.21
CA ARG A 220 -12.86 -6.07 1.13
C ARG A 220 -13.38 -7.31 0.41
N ASP A 221 -13.75 -7.14 -0.85
CA ASP A 221 -14.26 -8.18 -1.72
C ASP A 221 -13.15 -9.16 -2.14
N ALA A 222 -11.97 -8.67 -2.43
CA ALA A 222 -10.79 -9.38 -2.87
C ALA A 222 -10.10 -10.16 -1.76
N ALA A 223 -10.21 -9.70 -0.52
CA ALA A 223 -9.60 -10.37 0.62
C ALA A 223 -10.63 -10.92 1.59
N CYS A 224 -11.91 -10.76 1.30
CA CYS A 224 -12.99 -11.25 2.16
C CYS A 224 -12.70 -10.94 3.63
N SER A 225 -12.37 -9.68 3.83
CA SER A 225 -11.94 -8.87 4.90
C SER A 225 -12.97 -8.03 5.62
N ALA A 226 -14.19 -7.82 5.16
CA ALA A 226 -15.16 -6.98 5.82
C ALA A 226 -15.37 -7.31 7.27
N PRO A 227 -15.38 -6.29 8.15
CA PRO A 227 -15.60 -6.61 9.56
C PRO A 227 -17.08 -6.96 9.84
N SER A 228 -17.23 -7.52 11.01
CA SER A 228 -18.33 -8.00 11.80
C SER A 228 -18.19 -7.42 13.22
N ASN A 229 -19.07 -6.48 13.57
CA ASN A 229 -18.96 -5.87 14.90
C ASN A 229 -18.56 -4.39 14.73
N GLY A 230 -19.19 -3.77 13.74
CA GLY A 230 -19.01 -2.40 13.39
C GLY A 230 -17.97 -1.83 12.46
N ASP A 231 -17.61 -0.59 12.76
CA ASP A 231 -16.64 0.21 12.04
C ASP A 231 -15.22 -0.01 12.60
N ARG A 232 -14.27 0.52 11.86
CA ARG A 232 -12.87 0.43 12.22
C ARG A 232 -12.28 1.77 12.60
N LYS A 233 -13.19 2.70 12.89
CA LYS A 233 -12.87 4.05 13.28
C LYS A 233 -12.16 4.14 14.61
N CYS A 234 -12.04 3.05 15.37
CA CYS A 234 -11.34 3.32 16.65
C CYS A 234 -9.85 3.23 16.48
N TYR A 235 -9.39 2.43 15.51
CA TYR A 235 -7.93 2.36 15.32
C TYR A 235 -7.53 3.03 14.03
N GLN A 236 -8.46 3.03 13.06
CA GLN A 236 -8.01 3.75 11.83
C GLN A 236 -8.13 5.24 12.11
N LEU A 237 -7.23 6.07 11.61
CA LEU A 237 -7.25 7.50 11.86
C LEU A 237 -8.46 8.20 11.29
N PRO A 238 -9.05 9.16 12.00
CA PRO A 238 -10.20 9.81 11.34
C PRO A 238 -9.70 10.63 10.14
N PRO A 239 -10.44 10.82 9.04
CA PRO A 239 -9.95 11.57 7.89
C PRO A 239 -9.44 12.94 8.19
N ALA A 240 -10.03 13.68 9.12
CA ALA A 240 -9.63 15.02 9.50
C ALA A 240 -8.48 15.02 10.49
N GLY A 241 -8.09 13.88 11.03
CA GLY A 241 -7.03 13.80 11.99
C GLY A 241 -5.61 13.97 11.54
N ARG A 242 -5.21 15.20 11.23
CA ARG A 242 -3.83 15.41 10.79
C ARG A 242 -2.84 15.35 11.94
N GLY A 243 -3.23 15.77 13.15
CA GLY A 243 -2.29 15.72 14.27
C GLY A 243 -1.97 14.30 14.69
N LEU A 244 -3.00 13.45 14.69
CA LEU A 244 -2.84 12.04 15.05
C LEU A 244 -1.96 11.36 14.02
N ALA A 245 -2.23 11.66 12.75
CA ALA A 245 -1.39 11.04 11.72
C ALA A 245 0.06 11.51 11.89
N ARG A 246 0.26 12.78 12.24
CA ARG A 246 1.63 13.27 12.44
C ARG A 246 2.28 12.61 13.63
N ARG A 247 1.53 12.39 14.70
CA ARG A 247 2.10 11.73 15.88
C ARG A 247 2.28 10.24 15.61
N ALA A 248 1.48 9.65 14.72
CA ALA A 248 1.63 8.24 14.41
C ALA A 248 2.87 7.99 13.57
N LEU A 249 3.25 8.99 12.76
CA LEU A 249 4.47 8.79 11.93
C LEU A 249 5.70 8.89 12.81
N GLU A 250 5.67 9.84 13.75
CA GLU A 250 6.82 9.99 14.66
C GLU A 250 6.94 8.76 15.54
N ARG A 251 5.80 8.24 16.01
CA ARG A 251 5.79 7.05 16.86
C ARG A 251 6.43 5.85 16.15
N ASP A 252 5.84 5.49 15.02
CA ASP A 252 6.30 4.38 14.23
C ASP A 252 7.75 4.46 13.84
N MET A 253 8.21 5.66 13.49
CA MET A 253 9.64 5.78 13.12
C MET A 253 10.47 5.52 14.38
N SER A 254 10.00 6.11 15.48
CA SER A 254 10.72 5.92 16.74
C SER A 254 10.73 4.45 17.15
N GLU A 255 9.65 3.74 16.87
CA GLU A 255 9.56 2.33 17.23
C GLU A 255 10.28 1.43 16.26
N GLY A 256 11.01 1.93 15.27
CA GLY A 256 11.67 0.97 14.40
C GLY A 256 11.31 0.88 12.95
N ALA A 257 10.29 1.61 12.49
CA ALA A 257 9.95 1.50 11.07
C ALA A 257 11.13 1.92 10.19
N ASP A 258 11.39 1.13 9.15
CA ASP A 258 12.46 1.43 8.23
C ASP A 258 11.91 2.27 7.04
N GLY A 259 10.59 2.29 6.94
CA GLY A 259 9.90 3.00 5.88
C GLY A 259 8.45 3.16 6.29
N ILE A 260 7.75 4.10 5.66
CA ILE A 260 6.36 4.36 6.01
C ILE A 260 5.47 4.34 4.77
N ILE A 261 4.22 4.00 5.04
CA ILE A 261 3.20 3.97 3.98
C ILE A 261 2.10 4.98 4.38
N VAL A 262 1.58 5.68 3.38
CA VAL A 262 0.47 6.60 3.61
C VAL A 262 -0.72 5.98 2.87
N LYS A 263 -1.84 5.81 3.56
N LYS A 263 -1.88 5.88 3.57
CA LYS A 263 -2.98 5.17 2.88
CA LYS A 263 -2.91 5.13 2.85
C LYS A 263 -4.28 5.70 3.47
C LYS A 263 -4.32 5.56 3.30
N PRO A 264 -5.19 6.16 2.59
CA PRO A 264 -5.00 6.16 1.15
C PRO A 264 -3.97 7.13 0.63
N SER A 265 -3.91 7.31 -0.67
CA SER A 265 -2.93 8.15 -1.32
C SER A 265 -3.42 9.44 -1.92
N THR A 266 -4.07 9.43 -3.06
CA THR A 266 -4.54 10.68 -3.64
C THR A 266 -5.31 11.56 -2.69
N PHE A 267 -6.24 10.97 -1.94
CA PHE A 267 -7.06 11.68 -1.01
C PHE A 267 -6.36 12.15 0.23
N TYR A 268 -5.10 11.75 0.39
CA TYR A 268 -4.26 12.10 1.53
C TYR A 268 -2.89 12.59 1.12
N LEU A 269 -2.78 13.28 -0.02
CA LEU A 269 -1.50 13.79 -0.47
C LEU A 269 -0.89 14.78 0.48
N ASP A 270 -1.68 15.58 1.20
CA ASP A 270 -1.04 16.53 2.13
C ASP A 270 -0.38 15.77 3.27
N ILE A 271 -0.93 14.60 3.53
CA ILE A 271 -0.34 13.79 4.62
C ILE A 271 1.00 13.27 4.18
N MET A 272 1.15 13.05 2.89
CA MET A 272 2.44 12.56 2.38
C MET A 272 3.49 13.66 2.50
N ARG A 273 2.98 14.89 2.39
CA ARG A 273 3.88 16.05 2.48
C ARG A 273 4.41 16.17 3.89
N ASP A 274 3.54 15.99 4.87
CA ASP A 274 3.90 16.04 6.29
C ASP A 274 4.93 14.96 6.64
N ALA A 275 4.65 13.74 6.16
CA ALA A 275 5.54 12.60 6.42
C ALA A 275 6.90 12.86 5.79
N SER A 276 6.89 13.68 4.75
CA SER A 276 8.10 13.97 4.05
C SER A 276 9.08 14.79 4.81
N GLU A 277 8.51 15.50 5.78
CA GLU A 277 9.37 16.33 6.63
C GLU A 277 9.67 15.58 7.93
N ILE A 278 8.63 14.98 8.51
CA ILE A 278 8.80 14.23 9.75
C ILE A 278 9.68 13.00 9.55
N CYS A 279 9.45 12.23 8.51
CA CYS A 279 10.21 11.01 8.22
C CYS A 279 11.10 11.25 6.99
N LYS A 280 11.71 12.42 6.94
CA LYS A 280 12.57 12.85 5.87
C LYS A 280 13.69 11.88 5.56
N ASP A 281 14.16 11.11 6.54
CA ASP A 281 15.25 10.18 6.32
C ASP A 281 14.81 8.79 5.93
N LEU A 282 13.53 8.48 5.81
CA LEU A 282 13.10 7.14 5.46
C LEU A 282 12.30 7.17 4.16
N PRO A 283 12.24 6.03 3.48
CA PRO A 283 11.48 5.92 2.22
C PRO A 283 9.99 6.09 2.47
N ILE A 284 9.31 6.94 1.71
CA ILE A 284 7.86 7.07 1.93
C ILE A 284 7.15 6.32 0.80
N CYS A 285 6.07 5.63 1.13
CA CYS A 285 5.37 4.87 0.09
C CYS A 285 3.89 5.26 0.08
N ALA A 286 3.37 5.43 -1.13
CA ALA A 286 1.95 5.78 -1.23
C ALA A 286 1.18 4.48 -1.55
N TYR A 287 0.00 4.31 -0.96
CA TYR A 287 -0.73 3.09 -1.35
C TYR A 287 -1.93 3.53 -2.20
N HIS A 288 -1.94 3.20 -3.48
CA HIS A 288 -3.13 3.65 -4.28
C HIS A 288 -4.21 2.57 -4.05
N VAL A 289 -5.07 2.86 -3.09
CA VAL A 289 -6.11 1.99 -2.65
C VAL A 289 -7.12 1.54 -3.65
N SER A 290 -7.71 0.38 -3.35
CA SER A 290 -8.72 -0.25 -4.16
C SER A 290 -9.81 0.71 -4.60
N GLY A 291 -10.30 1.52 -3.67
CA GLY A 291 -11.35 2.45 -4.07
C GLY A 291 -10.83 3.62 -4.88
N GLU A 292 -9.56 3.99 -4.72
CA GLU A 292 -9.13 5.15 -5.55
C GLU A 292 -8.94 4.66 -6.99
N TYR A 293 -8.52 3.41 -7.05
CA TYR A 293 -8.23 2.63 -8.24
C TYR A 293 -9.48 2.37 -9.06
N ALA A 294 -10.52 1.88 -8.40
CA ALA A 294 -11.75 1.63 -9.16
C ALA A 294 -12.45 2.96 -9.46
N MET A 295 -12.11 4.02 -8.72
CA MET A 295 -12.79 5.30 -9.02
C MET A 295 -12.24 5.86 -10.34
N LEU A 296 -10.96 5.61 -10.56
CA LEU A 296 -10.30 6.05 -11.78
C LEU A 296 -10.82 5.26 -12.98
N HIS A 297 -11.10 3.98 -12.79
CA HIS A 297 -11.60 3.13 -13.86
C HIS A 297 -13.03 3.49 -14.26
N ALA A 298 -13.85 3.89 -13.29
CA ALA A 298 -15.24 4.25 -13.56
C ALA A 298 -15.33 5.59 -14.28
N ALA A 299 -14.61 6.58 -13.76
CA ALA A 299 -14.60 7.93 -14.37
C ALA A 299 -14.09 7.81 -15.81
N ALA A 300 -13.13 6.92 -15.98
CA ALA A 300 -12.55 6.68 -17.30
C ALA A 300 -13.59 5.99 -18.19
N GLU A 301 -14.27 4.98 -17.63
CA GLU A 301 -15.27 4.36 -18.50
C GLU A 301 -16.42 5.31 -18.77
N LYS A 302 -16.52 6.35 -17.94
CA LYS A 302 -17.61 7.31 -18.15
C LYS A 302 -17.20 8.39 -19.14
N GLY A 303 -15.91 8.44 -19.46
CA GLY A 303 -15.39 9.42 -20.39
C GLY A 303 -14.94 10.69 -19.68
N VAL A 304 -15.10 10.68 -18.37
CA VAL A 304 -14.73 11.82 -17.53
C VAL A 304 -13.26 12.18 -17.68
N VAL A 305 -12.40 11.17 -17.65
CA VAL A 305 -10.96 11.35 -17.81
C VAL A 305 -10.44 10.13 -18.60
N ASP A 306 -9.17 10.14 -18.94
CA ASP A 306 -8.47 9.09 -19.66
C ASP A 306 -7.55 8.32 -18.70
N LEU A 307 -7.82 7.02 -18.59
CA LEU A 307 -7.09 6.14 -17.73
C LEU A 307 -5.60 6.42 -17.66
N LYS A 308 -4.89 6.12 -18.75
CA LYS A 308 -3.46 6.31 -18.80
C LYS A 308 -3.02 7.68 -18.33
N THR A 309 -3.74 8.70 -18.76
CA THR A 309 -3.45 10.09 -18.42
C THR A 309 -3.61 10.37 -16.94
N ILE A 310 -4.82 10.08 -16.46
CA ILE A 310 -5.07 10.32 -15.04
C ILE A 310 -4.24 9.43 -14.16
N ALA A 311 -3.84 8.28 -14.72
CA ALA A 311 -3.00 7.38 -13.91
C ALA A 311 -1.61 8.00 -13.73
N PHE A 312 -1.09 8.61 -14.80
CA PHE A 312 0.22 9.26 -14.73
C PHE A 312 0.16 10.49 -13.85
N GLU A 313 -0.90 11.26 -14.01
CA GLU A 313 -1.08 12.47 -13.20
C GLU A 313 -1.13 12.10 -11.71
N SER A 314 -2.00 11.15 -11.36
CA SER A 314 -2.16 10.72 -9.98
C SER A 314 -0.89 10.11 -9.43
N HIS A 315 -0.23 9.26 -10.22
CA HIS A 315 0.99 8.65 -9.75
C HIS A 315 2.13 9.62 -9.64
N THR A 316 2.24 10.61 -10.53
CA THR A 316 3.37 11.53 -10.32
C THR A 316 3.03 12.43 -9.12
N GLY A 317 1.75 12.49 -8.80
CA GLY A 317 1.27 13.27 -7.68
C GLY A 317 1.84 12.74 -6.38
N PHE A 318 1.93 11.41 -6.30
CA PHE A 318 2.51 10.78 -5.10
C PHE A 318 3.98 11.20 -4.97
N LEU A 319 4.71 11.08 -6.08
CA LEU A 319 6.12 11.45 -6.08
C LEU A 319 6.30 12.93 -5.79
N ARG A 320 5.31 13.74 -6.15
CA ARG A 320 5.42 15.19 -5.90
C ARG A 320 5.20 15.47 -4.41
N ALA A 321 4.25 14.76 -3.83
CA ALA A 321 3.93 14.92 -2.42
C ALA A 321 5.03 14.42 -1.51
N GLY A 322 6.01 13.76 -2.09
CA GLY A 322 7.13 13.24 -1.36
C GLY A 322 7.39 11.75 -1.37
N ALA A 323 6.51 10.94 -1.96
CA ALA A 323 6.74 9.50 -1.97
C ALA A 323 7.78 9.09 -2.99
N ARG A 324 8.46 7.99 -2.71
CA ARG A 324 9.49 7.44 -3.57
C ARG A 324 9.19 6.00 -3.94
N LEU A 325 8.10 5.50 -3.39
CA LEU A 325 7.60 4.15 -3.65
C LEU A 325 6.07 4.22 -3.82
N ILE A 326 5.51 3.25 -4.52
CA ILE A 326 4.08 3.26 -4.71
C ILE A 326 3.48 1.87 -4.72
N ILE A 327 2.52 1.59 -3.83
CA ILE A 327 1.93 0.22 -3.99
C ILE A 327 0.68 0.49 -4.88
N THR A 328 0.55 -0.14 -6.05
CA THR A 328 -0.62 0.20 -6.90
C THR A 328 -1.04 -0.97 -7.76
N TYR A 329 -2.34 -1.08 -8.03
CA TYR A 329 -2.91 -2.12 -8.88
C TYR A 329 -2.70 -1.82 -10.37
N LEU A 330 -2.10 -0.67 -10.70
CA LEU A 330 -1.84 -0.32 -12.09
C LEU A 330 -0.43 -0.72 -12.50
N ALA A 331 0.26 -1.41 -11.60
CA ALA A 331 1.62 -1.83 -11.89
C ALA A 331 1.76 -2.53 -13.22
N PRO A 332 0.87 -3.47 -13.54
CA PRO A 332 1.06 -4.12 -14.86
C PRO A 332 1.03 -3.07 -15.97
N GLU A 333 0.12 -2.10 -15.84
CA GLU A 333 0.02 -1.05 -16.85
C GLU A 333 1.30 -0.23 -16.95
N PHE A 334 1.74 0.31 -15.82
CA PHE A 334 2.94 1.13 -15.74
C PHE A 334 4.19 0.38 -16.19
N LEU A 335 4.26 -0.92 -15.95
CA LEU A 335 5.44 -1.67 -16.35
C LEU A 335 5.61 -1.66 -17.87
N ASP A 336 4.56 -1.26 -18.57
CA ASP A 336 4.47 -1.15 -20.01
C ASP A 336 4.65 0.30 -20.47
N TRP A 337 3.90 1.22 -19.88
CA TRP A 337 3.93 2.63 -20.19
C TRP A 337 5.28 3.26 -19.99
N LEU A 338 6.03 2.83 -18.98
CA LEU A 338 7.34 3.36 -18.64
C LEU A 338 8.38 3.02 -19.69
N ASP A 339 8.08 2.01 -20.50
CA ASP A 339 9.06 1.65 -21.56
C ASP A 339 9.14 2.83 -22.55
N GLU A 340 7.92 3.20 -22.93
CA GLU A 340 7.73 4.40 -23.76
C GLU A 340 8.13 5.63 -22.92
N GLU A 341 7.42 5.96 -21.85
CA GLU A 341 7.71 7.09 -20.97
C GLU A 341 8.55 6.63 -19.77
#